data_3U22
#
_entry.id   3U22
#
_cell.length_a   128.415
_cell.length_b   128.415
_cell.length_c   110.785
_cell.angle_alpha   90.000
_cell.angle_beta   90.000
_cell.angle_gamma   120.000
#
_symmetry.space_group_name_H-M   'P 31 2 1'
#
loop_
_entity.id
_entity.type
_entity.pdbx_description
1 polymer 'putative HmuY_like heme binding protein'
2 non-polymer 'SULFATE ION'
3 non-polymer GLYCEROL
4 non-polymer 'UNKNOWN LIGAND'
5 non-polymer 'CHLORIDE ION'
6 water water
#
_entity_poly.entity_id   1
_entity_poly.type   'polypeptide(L)'
_entity_poly.pdbx_seq_one_letter_code
;GACDGILEGIYDSPAASDSNELGFIRTDPSTHSGTIYIDATDYRRWTFIDFHTQKVDSVNVTDSEQKEPEEWDIAVHRYD
VKTNAGAVLETGFTGFSALRNADA(MSE)PEGAYVEDVWTTAKIAID(MSE)SG(MSE)(MSE)DGNIVY(MSE)ESYYN
EELSKWLNVDKSN(MSE)PPTYTLSNKVY(MSE)VKLKDGTYAAVRLTNY(MSE)NASGVKGF(MSE)TIDYIYPFEL
;
_entity_poly.pdbx_strand_id   A,B
#
loop_
_chem_comp.id
_chem_comp.type
_chem_comp.name
_chem_comp.formula
CL non-polymer 'CHLORIDE ION' 'Cl -1'
GOL non-polymer GLYCEROL 'C3 H8 O3'
SO4 non-polymer 'SULFATE ION' 'O4 S -2'
UNL non-polymer 'UNKNOWN LIGAND' ?
#
# COMPACT_ATOMS: atom_id res chain seq x y z
N GLU A 21 2.63 -7.39 15.41
CA GLU A 21 1.87 -7.24 14.13
C GLU A 21 2.70 -7.40 12.86
N LEU A 22 3.97 -6.96 12.90
CA LEU A 22 4.93 -7.04 11.78
C LEU A 22 6.25 -7.63 12.27
N GLY A 23 7.02 -8.27 11.38
CA GLY A 23 8.28 -8.91 11.74
C GLY A 23 8.12 -10.42 11.90
N PHE A 24 8.82 -10.99 12.88
CA PHE A 24 8.78 -12.40 13.19
C PHE A 24 7.57 -12.59 14.06
N ILE A 25 6.42 -12.76 13.41
CA ILE A 25 5.13 -12.79 14.09
C ILE A 25 4.73 -14.14 14.67
N ARG A 26 5.28 -15.23 14.17
CA ARG A 26 4.95 -16.58 14.63
CA ARG A 26 4.92 -16.61 14.58
C ARG A 26 6.22 -17.39 14.58
N THR A 27 6.62 -17.95 15.72
CA THR A 27 7.84 -18.75 15.78
C THR A 27 7.62 -20.01 16.59
N ASP A 28 8.28 -21.07 16.16
CA ASP A 28 8.26 -22.36 16.82
C ASP A 28 9.74 -22.73 17.03
N PRO A 29 10.28 -22.47 18.25
CA PRO A 29 11.67 -22.78 18.59
C PRO A 29 12.03 -24.26 18.50
N SER A 30 11.07 -25.15 18.74
CA SER A 30 11.36 -26.59 18.66
C SER A 30 11.73 -27.02 17.25
N THR A 31 11.24 -26.34 16.22
CA THR A 31 11.56 -26.66 14.83
C THR A 31 12.44 -25.59 14.14
N HIS A 32 12.86 -24.55 14.86
CA HIS A 32 13.64 -23.44 14.29
C HIS A 32 12.94 -22.82 13.11
N SER A 33 11.62 -22.74 13.18
CA SER A 33 10.81 -22.25 12.10
C SER A 33 9.87 -21.17 12.54
N GLY A 34 9.36 -20.47 11.54
CA GLY A 34 8.39 -19.42 11.79
C GLY A 34 7.88 -18.72 10.54
N THR A 35 7.20 -17.62 10.78
CA THR A 35 6.64 -16.77 9.74
C THR A 35 6.97 -15.32 10.00
N ILE A 36 7.45 -14.67 8.93
CA ILE A 36 7.79 -13.27 8.91
C ILE A 36 6.67 -12.59 8.12
N TYR A 37 6.16 -11.47 8.63
CA TYR A 37 5.14 -10.69 7.92
C TYR A 37 5.64 -9.26 7.88
N ILE A 38 5.90 -8.73 6.69
CA ILE A 38 6.46 -7.39 6.53
C ILE A 38 5.67 -6.52 5.57
N ASP A 39 5.67 -5.21 5.87
CA ASP A 39 5.10 -4.21 5.01
C ASP A 39 6.22 -3.77 4.05
N ALA A 40 6.20 -4.35 2.86
CA ALA A 40 7.15 -4.04 1.81
C ALA A 40 6.44 -3.23 0.69
N THR A 41 5.36 -2.53 1.03
CA THR A 41 4.57 -1.77 0.03
C THR A 41 5.33 -0.58 -0.54
N ASP A 42 6.13 0.09 0.27
CA ASP A 42 6.75 1.33 -0.16
C ASP A 42 7.96 1.14 -1.07
N TYR A 43 7.98 1.85 -2.19
CA TYR A 43 9.09 1.71 -3.16
C TYR A 43 10.45 2.28 -2.66
N ARG A 44 10.44 3.16 -1.65
CA ARG A 44 11.70 3.67 -1.08
C ARG A 44 12.34 2.77 -0.05
N ARG A 45 11.63 1.70 0.33
CA ARG A 45 12.08 0.91 1.45
C ARG A 45 12.77 -0.39 1.12
N TRP A 46 13.83 -0.68 1.90
CA TRP A 46 14.46 -1.98 1.98
C TRP A 46 14.18 -2.46 3.39
N THR A 47 13.62 -3.67 3.51
CA THR A 47 13.38 -4.28 4.83
C THR A 47 14.42 -5.39 5.03
N PHE A 48 15.28 -5.23 6.02
CA PHE A 48 16.37 -6.16 6.33
C PHE A 48 15.90 -7.18 7.34
N ILE A 49 16.14 -8.46 7.05
CA ILE A 49 15.71 -9.57 7.86
C ILE A 49 16.98 -10.28 8.38
N ASP A 50 17.04 -10.44 9.69
CA ASP A 50 18.15 -11.13 10.34
C ASP A 50 17.57 -12.37 11.04
N PHE A 51 17.77 -13.54 10.42
CA PHE A 51 17.29 -14.80 10.97
C PHE A 51 18.01 -15.20 12.25
N HIS A 52 19.25 -14.76 12.46
CA HIS A 52 20.02 -15.12 13.64
C HIS A 52 19.45 -14.51 14.91
N THR A 53 18.99 -13.27 14.83
CA THR A 53 18.45 -12.53 15.99
C THR A 53 16.92 -12.31 15.93
N GLN A 54 16.28 -12.73 14.85
CA GLN A 54 14.83 -12.57 14.65
C GLN A 54 14.40 -11.11 14.69
N LYS A 55 15.20 -10.25 14.06
CA LYS A 55 14.99 -8.82 13.95
C LYS A 55 14.77 -8.38 12.48
N VAL A 56 13.93 -7.36 12.33
CA VAL A 56 13.60 -6.77 11.06
C VAL A 56 13.88 -5.27 11.19
N ASP A 57 14.52 -4.65 10.19
CA ASP A 57 14.82 -3.21 10.18
C ASP A 57 14.49 -2.67 8.79
N SER A 58 13.93 -1.48 8.72
CA SER A 58 13.57 -0.78 7.47
C SER A 58 14.54 0.35 7.25
N VAL A 59 14.80 0.68 6.00
CA VAL A 59 15.62 1.78 5.62
C VAL A 59 14.90 2.45 4.47
N ASN A 60 14.69 3.75 4.60
CA ASN A 60 14.15 4.60 3.55
C ASN A 60 15.40 5.06 2.79
N VAL A 61 15.53 4.62 1.53
CA VAL A 61 16.72 4.94 0.74
C VAL A 61 16.86 6.42 0.40
N THR A 62 15.82 7.22 0.51
CA THR A 62 15.89 8.67 0.26
C THR A 62 16.37 9.48 1.49
N ASP A 63 16.52 8.84 2.65
CA ASP A 63 16.95 9.48 3.92
C ASP A 63 18.35 8.99 4.24
N SER A 64 19.35 9.84 3.99
CA SER A 64 20.76 9.49 4.25
C SER A 64 21.13 9.33 5.74
N GLU A 65 20.27 9.75 6.67
CA GLU A 65 20.44 9.45 8.11
C GLU A 65 20.00 8.00 8.48
N GLN A 66 19.39 7.24 7.55
CA GLN A 66 19.00 5.83 7.79
C GLN A 66 20.02 4.97 7.09
N LYS A 67 20.66 4.08 7.82
CA LYS A 67 21.73 3.24 7.30
C LYS A 67 21.29 1.80 7.39
N GLU A 68 21.85 1.02 6.49
CA GLU A 68 21.71 -0.43 6.48
C GLU A 68 22.20 -0.97 7.84
N PRO A 69 21.54 -1.98 8.44
CA PRO A 69 22.06 -2.51 9.74
C PRO A 69 23.40 -3.22 9.55
N GLU A 70 24.14 -3.39 10.65
CA GLU A 70 25.45 -4.07 10.59
C GLU A 70 25.34 -5.52 10.21
N GLU A 71 24.27 -6.19 10.64
CA GLU A 71 24.04 -7.59 10.33
C GLU A 71 22.67 -7.78 9.73
N TRP A 72 22.62 -8.66 8.73
CA TRP A 72 21.39 -9.06 8.07
C TRP A 72 21.64 -10.20 7.11
N ASP A 73 20.58 -10.92 6.81
CA ASP A 73 20.63 -12.12 6.00
C ASP A 73 20.02 -11.94 4.61
N ILE A 74 18.80 -11.42 4.54
CA ILE A 74 18.17 -11.08 3.26
C ILE A 74 17.51 -9.71 3.45
N ALA A 75 17.22 -9.05 2.34
CA ALA A 75 16.58 -7.74 2.32
C ALA A 75 15.49 -7.76 1.24
N VAL A 76 14.32 -7.19 1.52
CA VAL A 76 13.17 -7.17 0.61
C VAL A 76 12.75 -5.74 0.28
N HIS A 77 12.49 -5.48 -1.01
CA HIS A 77 12.02 -4.21 -1.52
C HIS A 77 10.85 -4.58 -2.39
N ARG A 78 9.63 -4.33 -1.92
CA ARG A 78 8.41 -4.74 -2.66
C ARG A 78 8.53 -6.26 -2.88
N TYR A 79 8.57 -6.74 -4.13
CA TYR A 79 8.73 -8.19 -4.40
C TYR A 79 10.18 -8.60 -4.66
N ASP A 80 11.10 -7.64 -4.70
CA ASP A 80 12.51 -7.87 -5.02
C ASP A 80 13.25 -8.30 -3.76
N VAL A 81 14.29 -9.11 -3.93
CA VAL A 81 15.09 -9.54 -2.77
C VAL A 81 16.57 -9.61 -3.13
N LYS A 82 17.40 -9.33 -2.14
CA LYS A 82 18.84 -9.44 -2.28
C LYS A 82 19.36 -10.09 -1.02
N THR A 83 20.57 -10.62 -1.11
CA THR A 83 21.27 -11.28 -0.01
C THR A 83 22.46 -10.43 0.44
N ASN A 84 23.05 -10.82 1.58
CA ASN A 84 24.19 -10.13 2.15
C ASN A 84 25.42 -10.99 1.86
N ALA A 85 25.92 -10.88 0.63
CA ALA A 85 27.04 -11.75 0.14
C ALA A 85 26.66 -13.21 0.33
N GLY A 86 25.41 -13.54 0.01
CA GLY A 86 24.88 -14.88 0.14
C GLY A 86 24.69 -15.48 -1.22
N ALA A 87 24.09 -16.65 -1.25
CA ALA A 87 23.84 -17.36 -2.49
C ALA A 87 22.56 -18.17 -2.31
N VAL A 88 21.79 -18.32 -3.37
CA VAL A 88 20.48 -18.95 -3.31
C VAL A 88 20.28 -20.08 -4.32
N LEU A 89 19.61 -21.14 -3.88
CA LEU A 89 19.20 -22.24 -4.73
C LEU A 89 17.69 -22.37 -4.62
N GLU A 90 16.99 -22.30 -5.74
CA GLU A 90 15.58 -22.62 -5.79
C GLU A 90 15.57 -24.17 -5.75
N THR A 91 15.10 -24.77 -4.66
CA THR A 91 15.04 -26.23 -4.57
C THR A 91 13.79 -26.74 -5.33
N GLY A 92 13.62 -28.06 -5.42
CA GLY A 92 12.41 -28.67 -6.00
C GLY A 92 11.26 -28.81 -5.00
N PHE A 93 11.53 -28.54 -3.73
CA PHE A 93 10.52 -28.70 -2.67
C PHE A 93 9.48 -27.59 -2.73
N THR A 94 8.21 -27.94 -2.49
CA THR A 94 7.09 -27.01 -2.40
C THR A 94 6.42 -27.03 -1.02
N GLY A 95 7.11 -27.56 -0.03
CA GLY A 95 6.64 -27.52 1.35
C GLY A 95 7.77 -27.89 2.33
N PHE A 96 7.63 -27.45 3.58
CA PHE A 96 8.62 -27.76 4.59
C PHE A 96 8.56 -29.19 5.13
N SER A 97 7.42 -29.86 5.14
CA SER A 97 7.39 -31.23 5.73
C SER A 97 8.29 -32.20 4.94
N ALA A 98 8.27 -32.10 3.61
CA ALA A 98 9.12 -32.94 2.76
C ALA A 98 10.59 -32.52 2.93
N LEU A 99 10.87 -31.23 2.98
CA LEU A 99 12.24 -30.69 3.14
C LEU A 99 12.87 -31.20 4.46
N ARG A 100 12.09 -31.12 5.55
CA ARG A 100 12.56 -31.58 6.87
CA ARG A 100 12.55 -31.56 6.88
C ARG A 100 12.93 -33.07 6.88
N ASN A 101 12.36 -33.86 5.97
CA ASN A 101 12.66 -35.28 5.84
C ASN A 101 13.75 -35.60 4.82
N ALA A 102 14.32 -34.60 4.13
CA ALA A 102 15.39 -34.89 3.14
C ALA A 102 16.56 -35.60 3.82
N ASP A 103 17.15 -36.57 3.16
CA ASP A 103 18.35 -37.28 3.71
C ASP A 103 19.68 -36.61 3.32
N ALA A 104 19.67 -35.73 2.30
CA ALA A 104 20.84 -34.96 1.90
C ALA A 104 20.41 -33.53 1.50
N MSE A 105 21.36 -32.60 1.52
CA MSE A 105 21.10 -31.21 1.12
C MSE A 105 20.78 -31.21 -0.37
O MSE A 105 21.27 -32.05 -1.09
CB MSE A 105 22.31 -30.31 1.40
CG MSE A 105 22.56 -30.08 2.88
SE MSE A 105 21.18 -28.94 3.64
CE MSE A 105 21.70 -27.21 2.90
N PRO A 106 19.90 -30.31 -0.81
CA PRO A 106 19.52 -30.26 -2.23
C PRO A 106 20.67 -29.92 -3.20
N GLU A 107 20.69 -30.60 -4.33
CA GLU A 107 21.74 -30.39 -5.33
C GLU A 107 21.40 -29.24 -6.25
N GLY A 108 22.43 -28.63 -6.83
CA GLY A 108 22.26 -27.54 -7.77
C GLY A 108 23.16 -26.37 -7.44
N ALA A 109 23.32 -25.47 -8.40
CA ALA A 109 24.17 -24.30 -8.23
C ALA A 109 23.47 -23.22 -7.39
N TYR A 110 24.17 -22.76 -6.34
CA TYR A 110 23.77 -21.62 -5.51
C TYR A 110 24.16 -20.37 -6.30
N VAL A 111 23.24 -19.42 -6.44
CA VAL A 111 23.41 -18.25 -7.27
C VAL A 111 23.55 -16.98 -6.43
N GLU A 112 24.62 -16.24 -6.73
CA GLU A 112 24.95 -15.00 -6.03
CA GLU A 112 24.94 -15.00 -6.03
C GLU A 112 24.16 -13.84 -6.63
N ASP A 113 24.09 -12.72 -5.89
CA ASP A 113 23.39 -11.54 -6.36
C ASP A 113 24.11 -10.97 -7.57
N VAL A 114 23.34 -10.33 -8.46
CA VAL A 114 23.88 -9.61 -9.61
C VAL A 114 23.60 -8.14 -9.43
N TRP A 115 24.38 -7.33 -10.12
CA TRP A 115 24.23 -5.89 -10.05
C TRP A 115 23.22 -5.43 -11.06
N THR A 116 22.38 -4.48 -10.67
CA THR A 116 21.33 -3.96 -11.55
C THR A 116 21.25 -2.45 -11.46
N THR A 117 20.87 -1.79 -12.54
CA THR A 117 20.64 -0.35 -12.56
C THR A 117 19.21 0.04 -12.92
N ALA A 118 18.37 -0.88 -13.40
CA ALA A 118 16.99 -0.55 -13.80
C ALA A 118 16.00 -1.64 -13.35
N LYS A 119 16.21 -2.16 -12.15
CA LYS A 119 15.37 -3.18 -11.56
C LYS A 119 14.65 -2.71 -10.29
N ILE A 120 15.37 -2.06 -9.37
CA ILE A 120 14.80 -1.62 -8.09
C ILE A 120 14.18 -0.23 -8.26
N ALA A 121 12.85 -0.19 -8.41
CA ALA A 121 12.13 1.06 -8.58
C ALA A 121 11.96 1.71 -7.22
N ILE A 122 12.42 2.95 -7.09
CA ILE A 122 12.28 3.69 -5.82
C ILE A 122 11.22 4.80 -5.86
N ASP A 123 10.81 5.22 -7.06
CA ASP A 123 9.69 6.19 -7.21
C ASP A 123 8.87 5.79 -8.43
N MSE A 124 7.65 5.35 -8.18
CA MSE A 124 6.69 4.91 -9.20
C MSE A 124 5.61 5.96 -9.43
O MSE A 124 4.66 5.71 -10.16
CB MSE A 124 6.02 3.62 -8.72
CG MSE A 124 6.97 2.42 -8.59
SE MSE A 124 7.17 1.58 -10.32
CE MSE A 124 5.40 0.80 -10.55
N SER A 125 5.73 7.14 -8.84
CA SER A 125 4.65 8.12 -8.88
C SER A 125 4.50 8.86 -10.19
N GLY A 126 5.60 9.01 -10.93
CA GLY A 126 5.58 9.79 -12.14
C GLY A 126 5.43 11.30 -11.89
N MSE A 127 5.70 11.78 -10.67
CA MSE A 127 5.46 13.18 -10.31
C MSE A 127 6.66 14.08 -10.56
O MSE A 127 6.56 14.98 -11.41
CB MSE A 127 4.97 13.30 -8.88
CG MSE A 127 3.62 12.64 -8.60
SE MSE A 127 2.18 13.51 -9.49
CE MSE A 127 1.86 12.30 -11.04
N MSE A 128 7.79 13.86 -9.88
CA MSE A 128 8.95 14.73 -10.14
C MSE A 128 9.51 14.52 -11.55
O MSE A 128 9.78 15.50 -12.26
CB MSE A 128 10.01 14.65 -9.04
CG MSE A 128 9.62 15.42 -7.79
SE MSE A 128 9.45 17.30 -8.05
CE MSE A 128 9.72 18.06 -6.26
N ASP A 129 9.57 13.27 -11.96
CA ASP A 129 9.94 12.87 -13.31
C ASP A 129 8.85 11.94 -13.86
N GLY A 130 8.48 12.04 -15.13
N GLY A 130 8.59 12.08 -15.16
CA GLY A 130 7.42 11.16 -15.70
CA GLY A 130 7.59 11.28 -15.89
C GLY A 130 7.72 9.65 -15.72
C GLY A 130 8.10 9.94 -16.41
N ASN A 131 9.00 9.32 -15.67
CA ASN A 131 9.46 7.98 -15.84
C ASN A 131 9.58 7.36 -14.46
N ILE A 132 9.72 6.06 -14.39
CA ILE A 132 10.01 5.38 -13.15
C ILE A 132 11.45 5.77 -12.73
N VAL A 133 11.68 6.03 -11.44
CA VAL A 133 13.04 6.31 -10.95
C VAL A 133 13.55 5.01 -10.33
N TYR A 134 14.71 4.57 -10.79
CA TYR A 134 15.36 3.34 -10.31
C TYR A 134 16.60 3.69 -9.52
N MSE A 135 17.01 2.79 -8.62
CA MSE A 135 18.28 2.89 -7.95
C MSE A 135 19.11 1.68 -8.38
O MSE A 135 18.58 0.59 -8.65
CB MSE A 135 18.16 2.90 -6.43
CG MSE A 135 17.87 1.50 -5.76
SE MSE A 135 17.74 1.55 -3.79
CE MSE A 135 18.94 3.17 -3.59
N GLU A 136 20.42 1.88 -8.28
CA GLU A 136 21.45 0.91 -8.57
CA GLU A 136 21.40 0.88 -8.61
C GLU A 136 21.46 0.01 -7.36
N SER A 137 21.49 -1.30 -7.54
CA SER A 137 21.46 -2.21 -6.41
C SER A 137 21.78 -3.63 -6.78
N TYR A 138 22.35 -4.37 -5.82
CA TYR A 138 22.43 -5.82 -5.95
C TYR A 138 20.99 -6.38 -5.88
N TYR A 139 20.85 -7.57 -6.44
CA TYR A 139 19.59 -8.25 -6.61
C TYR A 139 19.82 -9.73 -6.80
N ASN A 140 19.07 -10.57 -6.08
CA ASN A 140 19.18 -12.02 -6.29
C ASN A 140 18.07 -12.49 -7.26
N GLU A 141 18.47 -12.87 -8.46
CA GLU A 141 17.53 -13.34 -9.47
C GLU A 141 16.86 -14.67 -9.10
N GLU A 142 17.55 -15.54 -8.38
CA GLU A 142 17.01 -16.84 -8.02
C GLU A 142 15.93 -16.68 -6.94
N LEU A 143 16.24 -15.99 -5.86
CA LEU A 143 15.28 -15.81 -4.76
C LEU A 143 14.07 -14.95 -5.16
N SER A 144 14.28 -14.02 -6.09
CA SER A 144 13.22 -13.14 -6.61
C SER A 144 12.20 -13.88 -7.47
N LYS A 145 12.53 -15.14 -7.83
CA LYS A 145 11.56 -16.00 -8.49
C LYS A 145 10.43 -16.42 -7.56
N TRP A 146 10.51 -16.13 -6.26
CA TRP A 146 9.41 -16.49 -5.36
C TRP A 146 8.02 -15.95 -5.75
N LEU A 147 7.99 -14.91 -6.60
CA LEU A 147 6.78 -14.34 -7.17
C LEU A 147 7.10 -13.98 -8.62
N ASN A 148 6.24 -14.41 -9.53
CA ASN A 148 6.35 -14.04 -10.94
C ASN A 148 5.24 -13.04 -11.26
N VAL A 149 5.60 -11.85 -11.73
CA VAL A 149 4.63 -10.82 -12.10
C VAL A 149 4.69 -10.75 -13.63
N ASP A 150 3.72 -11.33 -14.31
CA ASP A 150 3.69 -11.37 -15.78
C ASP A 150 2.95 -10.13 -16.29
N LYS A 151 3.74 -9.13 -16.70
CA LYS A 151 3.24 -7.85 -17.22
C LYS A 151 2.64 -7.96 -18.65
N SER A 152 2.96 -9.03 -19.41
CA SER A 152 2.42 -9.23 -20.77
C SER A 152 0.89 -9.47 -20.82
N ASN A 153 0.25 -9.71 -19.67
CA ASN A 153 -1.22 -9.77 -19.54
C ASN A 153 -1.73 -8.42 -19.02
N MSE A 154 -2.98 -8.10 -19.33
CA MSE A 154 -3.66 -6.90 -18.81
C MSE A 154 -5.06 -7.44 -18.38
O MSE A 154 -5.87 -7.72 -19.25
CB MSE A 154 -3.76 -5.78 -19.86
N PRO A 155 -5.30 -7.64 -17.05
CA PRO A 155 -4.45 -7.36 -15.89
C PRO A 155 -3.19 -8.24 -15.79
N PRO A 156 -2.09 -7.74 -15.16
CA PRO A 156 -0.93 -8.62 -14.97
C PRO A 156 -1.27 -9.70 -13.93
N THR A 157 -0.72 -10.89 -14.14
CA THR A 157 -0.98 -12.04 -13.29
C THR A 157 0.21 -12.24 -12.34
N TYR A 158 -0.10 -12.48 -11.07
CA TYR A 158 0.85 -12.66 -9.99
C TYR A 158 0.83 -14.13 -9.63
N THR A 159 1.94 -14.86 -9.84
CA THR A 159 2.01 -16.28 -9.49
C THR A 159 3.12 -16.55 -8.48
N LEU A 160 2.75 -17.00 -7.27
CA LEU A 160 3.73 -17.42 -6.26
C LEU A 160 4.44 -18.66 -6.81
N SER A 161 5.76 -18.80 -6.68
CA SER A 161 6.37 -20.07 -7.15
C SER A 161 6.07 -21.25 -6.22
N ASN A 162 5.78 -20.97 -4.94
CA ASN A 162 5.61 -21.99 -3.89
C ASN A 162 6.84 -22.86 -3.58
N LYS A 163 7.98 -22.53 -4.18
CA LYS A 163 9.20 -23.30 -3.97
C LYS A 163 9.86 -22.88 -2.68
N VAL A 164 10.66 -23.79 -2.12
CA VAL A 164 11.49 -23.50 -1.00
C VAL A 164 12.85 -23.06 -1.57
N TYR A 165 13.31 -21.88 -1.15
CA TYR A 165 14.62 -21.36 -1.54
C TYR A 165 15.62 -21.65 -0.39
N MSE A 166 16.76 -22.23 -0.72
CA MSE A 166 17.81 -22.39 0.28
C MSE A 166 18.77 -21.20 0.10
O MSE A 166 19.27 -20.95 -1.00
CB MSE A 166 18.53 -23.72 0.08
CG MSE A 166 19.28 -24.15 1.32
SE MSE A 166 18.15 -24.70 2.84
CE MSE A 166 17.32 -26.15 1.84
N VAL A 167 19.00 -20.46 1.18
CA VAL A 167 19.88 -19.30 1.18
C VAL A 167 21.12 -19.67 1.99
N LYS A 168 22.27 -19.77 1.31
CA LYS A 168 23.56 -20.05 1.93
CA LYS A 168 23.56 -20.04 1.96
C LYS A 168 24.08 -18.68 2.38
N LEU A 169 24.21 -18.46 3.68
CA LEU A 169 24.64 -17.19 4.23
C LEU A 169 26.15 -17.11 4.31
N LYS A 170 26.66 -15.89 4.51
CA LYS A 170 28.11 -15.68 4.52
C LYS A 170 28.84 -16.40 5.62
N ASP A 171 28.17 -16.71 6.73
CA ASP A 171 28.81 -17.49 7.81
C ASP A 171 28.77 -19.00 7.54
N GLY A 172 28.27 -19.47 6.39
CA GLY A 172 28.19 -20.90 6.08
C GLY A 172 26.93 -21.63 6.58
N THR A 173 26.03 -20.93 7.27
CA THR A 173 24.78 -21.53 7.74
C THR A 173 23.76 -21.30 6.63
N TYR A 174 22.62 -21.99 6.75
CA TYR A 174 21.57 -21.98 5.74
C TYR A 174 20.22 -21.65 6.28
N ALA A 175 19.45 -20.88 5.50
CA ALA A 175 18.04 -20.57 5.82
C ALA A 175 17.21 -21.15 4.69
N ALA A 176 16.06 -21.76 5.01
CA ALA A 176 15.08 -22.23 4.03
C ALA A 176 13.98 -21.17 4.08
N VAL A 177 13.53 -20.64 2.93
CA VAL A 177 12.49 -19.60 2.89
C VAL A 177 11.47 -19.94 1.79
N ARG A 178 10.24 -19.57 2.04
CA ARG A 178 9.16 -19.77 1.10
C ARG A 178 8.16 -18.60 1.24
N LEU A 179 7.85 -17.93 0.13
CA LEU A 179 6.88 -16.81 0.14
C LEU A 179 5.53 -17.44 0.00
N THR A 180 4.69 -17.30 1.03
CA THR A 180 3.33 -17.88 1.02
C THR A 180 2.29 -16.89 0.58
N ASN A 181 2.56 -15.59 0.69
CA ASN A 181 1.63 -14.58 0.20
C ASN A 181 2.31 -13.22 -0.01
N TYR A 182 1.71 -12.42 -0.87
CA TYR A 182 2.18 -11.10 -1.30
C TYR A 182 1.15 -10.00 -1.10
N MSE A 183 0.03 -10.30 -0.43
CA MSE A 183 -1.02 -9.34 -0.12
C MSE A 183 -1.45 -9.48 1.31
O MSE A 183 -1.32 -10.56 1.86
CB MSE A 183 -2.28 -9.66 -0.91
CG MSE A 183 -2.16 -9.63 -2.38
SE MSE A 183 -3.87 -10.27 -3.13
CE MSE A 183 -4.08 -11.91 -2.36
N ASN A 184 -2.05 -8.42 1.87
CA ASN A 184 -2.68 -8.49 3.18
C ASN A 184 -4.06 -9.15 3.03
N ALA A 185 -4.82 -9.24 4.11
CA ALA A 185 -6.12 -9.95 4.09
C ALA A 185 -7.21 -9.29 3.21
N SER A 186 -7.09 -7.99 2.90
CA SER A 186 -8.06 -7.32 2.02
C SER A 186 -7.62 -7.21 0.55
N GLY A 187 -6.43 -7.73 0.22
CA GLY A 187 -5.85 -7.67 -1.11
C GLY A 187 -4.86 -6.55 -1.41
N VAL A 188 -4.38 -5.82 -0.40
CA VAL A 188 -3.41 -4.75 -0.62
C VAL A 188 -2.08 -5.46 -0.91
N LYS A 189 -1.51 -5.26 -2.09
CA LYS A 189 -0.26 -5.89 -2.48
C LYS A 189 0.97 -5.23 -1.85
N GLY A 190 1.99 -6.05 -1.59
CA GLY A 190 3.23 -5.59 -0.98
C GLY A 190 3.45 -6.00 0.46
N PHE A 191 2.44 -6.65 1.07
CA PHE A 191 2.61 -7.25 2.39
C PHE A 191 3.11 -8.65 2.10
N MSE A 192 4.30 -9.00 2.58
CA MSE A 192 4.96 -10.28 2.29
C MSE A 192 4.94 -11.17 3.52
O MSE A 192 5.31 -10.74 4.64
CB MSE A 192 6.40 -10.02 1.85
CG MSE A 192 6.54 -9.02 0.73
SE MSE A 192 5.79 -9.63 -0.95
CE MSE A 192 7.46 -10.36 -1.55
N THR A 193 4.43 -12.39 3.31
CA THR A 193 4.36 -13.44 4.32
C THR A 193 5.40 -14.47 3.90
N ILE A 194 6.44 -14.62 4.72
CA ILE A 194 7.57 -15.44 4.41
C ILE A 194 7.74 -16.51 5.50
N ASP A 195 7.64 -17.79 5.14
CA ASP A 195 7.91 -18.89 6.10
C ASP A 195 9.41 -19.22 6.01
N TYR A 196 10.00 -19.62 7.14
CA TYR A 196 11.43 -19.87 7.21
C TYR A 196 11.80 -20.98 8.18
N ILE A 197 12.95 -21.57 7.95
CA ILE A 197 13.61 -22.46 8.88
C ILE A 197 15.02 -21.88 8.94
N TYR A 198 15.44 -21.50 10.14
CA TYR A 198 16.82 -21.07 10.38
C TYR A 198 17.21 -21.45 11.79
N PRO A 199 18.37 -22.13 11.98
CA PRO A 199 19.34 -22.65 10.99
C PRO A 199 18.82 -23.96 10.42
N PHE A 200 18.90 -24.10 9.10
CA PHE A 200 18.46 -25.33 8.48
C PHE A 200 19.58 -26.36 8.59
N GLU A 201 19.29 -27.51 9.17
CA GLU A 201 20.25 -28.62 9.33
C GLU A 201 19.53 -29.94 9.07
N LEU A 202 20.23 -30.88 8.43
CA LEU A 202 19.67 -32.20 8.18
C LEU A 202 20.01 -33.08 9.37
N GLU B 21 2.10 12.91 11.54
CA GLU B 21 2.05 13.13 10.05
C GLU B 21 0.96 12.33 9.22
N LEU B 22 -0.16 12.02 9.90
CA LEU B 22 -1.41 11.49 9.30
C LEU B 22 -2.57 12.31 9.90
N GLY B 23 -3.61 12.59 9.14
CA GLY B 23 -4.76 13.39 9.58
C GLY B 23 -4.65 14.83 9.10
N PHE B 24 -5.05 15.79 9.93
CA PHE B 24 -4.96 17.23 9.61
C PHE B 24 -3.52 17.64 9.80
N ILE B 25 -2.71 17.51 8.73
CA ILE B 25 -1.26 17.74 8.82
C ILE B 25 -0.83 19.18 8.69
N ARG B 26 -1.63 20.04 8.09
CA ARG B 26 -1.28 21.45 7.92
C ARG B 26 -2.62 22.17 7.99
N THR B 27 -2.66 23.29 8.70
CA THR B 27 -3.87 24.10 8.84
C THR B 27 -3.46 25.54 8.95
N ASP B 28 -4.23 26.43 8.32
CA ASP B 28 -4.03 27.88 8.42
C ASP B 28 -5.36 28.50 8.89
N PRO B 29 -5.48 28.81 10.21
CA PRO B 29 -6.68 29.47 10.76
C PRO B 29 -7.10 30.77 10.07
N SER B 30 -6.14 31.58 9.61
CA SER B 30 -6.44 32.88 8.98
C SER B 30 -7.19 32.77 7.63
N THR B 31 -6.98 31.69 6.89
CA THR B 31 -7.68 31.46 5.61
C THR B 31 -8.70 30.29 5.68
N HIS B 32 -8.92 29.77 6.90
CA HIS B 32 -9.85 28.66 7.20
C HIS B 32 -9.58 27.39 6.40
N SER B 33 -8.31 27.14 6.10
CA SER B 33 -7.94 26.05 5.22
C SER B 33 -6.83 25.15 5.77
N GLY B 34 -6.61 24.04 5.08
CA GLY B 34 -5.60 23.10 5.48
C GLY B 34 -5.50 21.88 4.58
N THR B 35 -4.69 20.92 5.00
CA THR B 35 -4.48 19.67 4.24
C THR B 35 -4.65 18.46 5.15
N ILE B 36 -5.40 17.48 4.66
CA ILE B 36 -5.63 16.23 5.34
C ILE B 36 -4.82 15.19 4.54
N TYR B 37 -4.08 14.33 5.21
CA TYR B 37 -3.35 13.25 4.56
C TYR B 37 -3.73 11.97 5.31
N ILE B 38 -4.32 11.00 4.61
CA ILE B 38 -4.78 9.78 5.24
C ILE B 38 -4.40 8.53 4.46
N ASP B 39 -4.21 7.45 5.20
CA ASP B 39 -3.92 6.12 4.65
C ASP B 39 -5.27 5.43 4.40
N ALA B 40 -5.77 5.57 3.16
CA ALA B 40 -6.99 4.90 2.72
C ALA B 40 -6.65 3.64 1.94
N THR B 41 -5.48 3.02 2.17
CA THR B 41 -5.07 1.87 1.36
C THR B 41 -5.92 0.61 1.60
N ASP B 42 -6.31 0.34 2.85
CA ASP B 42 -6.98 -0.92 3.15
C ASP B 42 -8.46 -0.90 2.76
N TYR B 43 -8.91 -1.95 2.06
CA TYR B 43 -10.29 -2.03 1.60
C TYR B 43 -11.32 -2.24 2.73
N ARG B 44 -10.88 -2.66 3.92
CA ARG B 44 -11.78 -2.82 5.06
C ARG B 44 -12.01 -1.53 5.80
N ARG B 45 -11.30 -0.47 5.45
CA ARG B 45 -11.34 0.78 6.21
C ARG B 45 -12.18 1.93 5.65
N TRP B 46 -12.94 2.56 6.54
CA TRP B 46 -13.55 3.87 6.31
C TRP B 46 -12.82 4.82 7.22
N THR B 47 -12.37 5.97 6.69
CA THR B 47 -11.72 7.02 7.48
C THR B 47 -12.66 8.21 7.49
N PHE B 48 -13.11 8.59 8.68
CA PHE B 48 -14.07 9.65 8.92
C PHE B 48 -13.35 10.96 9.21
N ILE B 49 -13.77 12.03 8.56
CA ILE B 49 -13.15 13.33 8.64
C ILE B 49 -14.16 14.32 9.16
N ASP B 50 -13.80 15.07 10.20
CA ASP B 50 -14.62 16.12 10.75
C ASP B 50 -13.88 17.44 10.62
N PHE B 51 -14.33 18.29 9.70
CA PHE B 51 -13.74 19.62 9.51
C PHE B 51 -14.01 20.57 10.67
N HIS B 52 -15.10 20.36 11.41
CA HIS B 52 -15.46 21.21 12.53
C HIS B 52 -14.44 21.11 13.64
N THR B 53 -14.05 19.90 13.99
CA THR B 53 -13.11 19.64 15.08
C THR B 53 -11.70 19.22 14.65
N GLN B 54 -11.46 19.08 13.36
CA GLN B 54 -10.16 18.65 12.80
C GLN B 54 -9.73 17.27 13.30
N LYS B 55 -10.66 16.32 13.28
CA LYS B 55 -10.42 14.96 13.75
C LYS B 55 -10.65 13.95 12.65
N VAL B 56 -9.87 12.88 12.72
CA VAL B 56 -9.91 11.77 11.78
C VAL B 56 -10.02 10.47 12.58
N ASP B 57 -10.91 9.57 12.19
CA ASP B 57 -11.12 8.28 12.86
C ASP B 57 -11.25 7.18 11.82
N SER B 58 -10.62 6.04 12.06
CA SER B 58 -10.68 4.89 11.15
C SER B 58 -11.62 3.85 11.73
N VAL B 59 -12.32 3.12 10.88
CA VAL B 59 -13.19 2.02 11.28
C VAL B 59 -12.87 0.87 10.34
N ASN B 60 -12.57 -0.29 10.93
CA ASN B 60 -12.36 -1.54 10.19
C ASN B 60 -13.76 -2.17 10.15
N VAL B 61 -14.37 -2.22 8.98
CA VAL B 61 -15.75 -2.73 8.82
C VAL B 61 -15.89 -4.21 9.22
N THR B 62 -14.81 -4.98 9.26
CA THR B 62 -14.87 -6.37 9.68
C THR B 62 -14.74 -6.55 11.21
N ASP B 63 -14.59 -5.46 11.97
CA ASP B 63 -14.51 -5.49 13.43
C ASP B 63 -15.76 -4.84 14.00
N SER B 64 -16.69 -5.65 14.51
CA SER B 64 -17.95 -5.13 15.09
C SER B 64 -17.75 -4.26 16.35
N GLU B 65 -16.61 -4.41 17.04
CA GLU B 65 -16.26 -3.54 18.17
C GLU B 65 -15.95 -2.07 17.75
N GLN B 66 -15.70 -1.78 16.46
CA GLN B 66 -15.44 -0.41 15.95
C GLN B 66 -16.67 0.18 15.28
N LYS B 67 -17.14 1.33 15.75
CA LYS B 67 -18.36 1.98 15.27
C LYS B 67 -17.99 3.33 14.67
N GLU B 68 -18.85 3.87 13.79
CA GLU B 68 -18.55 5.18 13.19
C GLU B 68 -18.65 6.25 14.30
N PRO B 69 -17.90 7.37 14.20
CA PRO B 69 -18.04 8.39 15.25
C PRO B 69 -19.40 9.07 15.20
N GLU B 70 -19.75 9.71 16.30
CA GLU B 70 -21.04 10.41 16.39
C GLU B 70 -21.11 11.60 15.48
N GLU B 71 -19.97 12.26 15.23
CA GLU B 71 -19.95 13.42 14.35
C GLU B 71 -18.85 13.26 13.30
N TRP B 72 -19.20 13.57 12.05
CA TRP B 72 -18.29 13.53 10.92
C TRP B 72 -18.91 14.22 9.74
N ASP B 73 -18.06 14.70 8.83
CA ASP B 73 -18.46 15.46 7.65
C ASP B 73 -18.34 14.66 6.35
N ILE B 74 -17.17 14.06 6.08
CA ILE B 74 -17.01 13.15 4.95
C ILE B 74 -16.31 11.88 5.42
N ALA B 75 -16.43 10.80 4.66
CA ALA B 75 -15.77 9.51 4.97
C ALA B 75 -15.18 8.97 3.68
N VAL B 76 -13.94 8.50 3.74
CA VAL B 76 -13.20 7.98 2.59
C VAL B 76 -12.83 6.51 2.78
N HIS B 77 -13.08 5.73 1.73
CA HIS B 77 -12.74 4.30 1.63
C HIS B 77 -12.01 4.14 0.35
N ARG B 78 -10.70 3.92 0.43
CA ARG B 78 -9.86 3.84 -0.78
C ARG B 78 -10.10 5.15 -1.57
N TYR B 79 -10.63 5.12 -2.80
CA TYR B 79 -10.91 6.36 -3.55
C TYR B 79 -12.37 6.84 -3.42
N ASP B 80 -13.22 6.01 -2.79
CA ASP B 80 -14.66 6.26 -2.63
C ASP B 80 -14.89 7.25 -1.51
N VAL B 81 -15.92 8.07 -1.64
CA VAL B 81 -16.26 9.00 -0.55
C VAL B 81 -17.76 9.07 -0.35
N LYS B 82 -18.17 9.27 0.91
CA LYS B 82 -19.56 9.52 1.25
C LYS B 82 -19.61 10.72 2.20
N THR B 83 -20.80 11.31 2.30
CA THR B 83 -21.08 12.46 3.15
C THR B 83 -22.02 12.01 4.28
N ASN B 84 -22.19 12.85 5.29
CA ASN B 84 -23.03 12.56 6.44
C ASN B 84 -24.30 13.40 6.29
N ALA B 85 -25.20 12.93 5.43
CA ALA B 85 -26.42 13.63 5.05
C ALA B 85 -26.06 14.98 4.41
N GLY B 86 -25.00 15.01 3.63
CA GLY B 86 -24.56 16.21 2.94
C GLY B 86 -24.94 16.13 1.49
N ALA B 87 -24.48 17.11 0.73
CA ALA B 87 -24.71 17.19 -0.72
C ALA B 87 -23.51 17.90 -1.34
N VAL B 88 -23.17 17.52 -2.57
CA VAL B 88 -21.94 17.98 -3.22
C VAL B 88 -22.14 18.50 -4.64
N LEU B 89 -21.40 19.53 -5.01
CA LEU B 89 -21.40 20.01 -6.39
C LEU B 89 -19.95 20.20 -6.85
N GLU B 90 -19.59 19.59 -7.97
CA GLU B 90 -18.29 19.77 -8.59
C GLU B 90 -18.27 21.15 -9.23
N THR B 91 -17.30 21.99 -8.89
CA THR B 91 -17.14 23.29 -9.56
C THR B 91 -16.11 23.09 -10.66
N GLY B 92 -15.99 24.08 -11.53
CA GLY B 92 -14.95 24.11 -12.55
C GLY B 92 -13.57 24.55 -12.02
N PHE B 93 -13.50 25.08 -10.80
CA PHE B 93 -12.24 25.59 -10.25
C PHE B 93 -11.23 24.48 -10.02
N THR B 94 -9.98 24.76 -10.37
CA THR B 94 -8.88 23.83 -10.17
C THR B 94 -7.93 24.26 -9.06
N GLY B 95 -8.28 25.30 -8.31
CA GLY B 95 -7.48 25.71 -7.15
C GLY B 95 -8.24 26.66 -6.25
N PHE B 96 -7.84 26.73 -4.99
CA PHE B 96 -8.49 27.62 -4.04
C PHE B 96 -8.29 29.11 -4.30
N SER B 97 -7.12 29.52 -4.81
CA SER B 97 -6.92 30.94 -5.14
C SER B 97 -7.91 31.43 -6.20
N ALA B 98 -8.28 30.57 -7.16
CA ALA B 98 -9.32 30.87 -8.17
C ALA B 98 -10.73 30.92 -7.54
N LEU B 99 -11.04 29.92 -6.71
CA LEU B 99 -12.33 29.84 -5.98
C LEU B 99 -12.55 31.06 -5.10
N ARG B 100 -11.51 31.53 -4.39
CA ARG B 100 -11.68 32.70 -3.50
CA ARG B 100 -11.61 32.71 -3.50
C ARG B 100 -12.06 33.98 -4.25
N ASN B 101 -11.82 34.04 -5.56
CA ASN B 101 -12.19 35.20 -6.38
C ASN B 101 -13.64 35.19 -6.91
N ALA B 102 -14.40 34.11 -6.69
CA ALA B 102 -15.79 34.01 -7.14
C ALA B 102 -16.71 35.05 -6.47
N ASP B 103 -17.73 35.51 -7.16
CA ASP B 103 -18.70 36.48 -6.61
C ASP B 103 -19.98 35.92 -6.07
N ALA B 104 -20.31 34.70 -6.45
CA ALA B 104 -21.59 34.09 -6.09
C ALA B 104 -21.45 32.61 -6.00
N MSE B 105 -22.26 32.02 -5.12
CA MSE B 105 -22.31 30.59 -4.95
C MSE B 105 -22.95 29.95 -6.19
O MSE B 105 -23.55 30.65 -7.00
CB MSE B 105 -23.11 30.23 -3.68
CG MSE B 105 -22.39 30.58 -2.39
SE MSE B 105 -20.77 29.54 -2.10
CE MSE B 105 -21.59 27.82 -1.55
N PRO B 106 -22.78 28.64 -6.36
CA PRO B 106 -23.43 27.98 -7.49
C PRO B 106 -24.94 27.97 -7.37
N GLU B 107 -25.61 28.08 -8.51
CA GLU B 107 -27.05 27.94 -8.63
C GLU B 107 -27.48 26.48 -8.77
N GLY B 108 -26.58 25.59 -9.15
CA GLY B 108 -26.92 24.21 -9.42
C GLY B 108 -27.33 23.40 -8.22
N ALA B 109 -28.01 22.28 -8.49
CA ALA B 109 -28.54 21.37 -7.46
C ALA B 109 -27.40 20.45 -7.09
N TYR B 110 -27.14 20.37 -5.78
CA TYR B 110 -26.06 19.55 -5.22
C TYR B 110 -26.52 18.09 -5.21
N VAL B 111 -25.60 17.13 -5.19
CA VAL B 111 -25.91 15.74 -5.29
C VAL B 111 -25.76 15.08 -3.92
N GLU B 112 -26.80 14.38 -3.49
CA GLU B 112 -26.81 13.65 -2.22
C GLU B 112 -26.32 12.25 -2.45
N ASP B 113 -25.99 11.56 -1.37
CA ASP B 113 -25.44 10.21 -1.48
C ASP B 113 -26.52 9.25 -1.95
N VAL B 114 -26.11 8.16 -2.60
CA VAL B 114 -27.03 7.11 -3.03
C VAL B 114 -26.62 5.85 -2.29
N TRP B 115 -27.57 4.94 -2.12
CA TRP B 115 -27.34 3.66 -1.47
C TRP B 115 -26.81 2.73 -2.52
N THR B 116 -25.77 1.96 -2.19
CA THR B 116 -25.13 1.05 -3.13
C THR B 116 -24.92 -0.31 -2.48
N THR B 117 -24.98 -1.35 -3.29
CA THR B 117 -24.73 -2.72 -2.82
C THR B 117 -23.54 -3.40 -3.48
N ALA B 118 -23.10 -2.91 -4.65
CA ALA B 118 -21.97 -3.51 -5.38
C ALA B 118 -20.97 -2.45 -5.79
N LYS B 119 -20.66 -1.51 -4.91
CA LYS B 119 -19.70 -0.44 -5.19
C LYS B 119 -18.48 -0.44 -4.27
N ILE B 120 -18.71 -0.51 -2.96
CA ILE B 120 -17.65 -0.46 -1.94
C ILE B 120 -17.07 -1.87 -1.74
N ALA B 121 -15.89 -2.12 -2.29
CA ALA B 121 -15.19 -3.40 -2.22
C ALA B 121 -14.44 -3.44 -0.90
N ILE B 122 -14.74 -4.44 -0.08
CA ILE B 122 -14.06 -4.61 1.21
C ILE B 122 -12.99 -5.69 1.16
N ASP B 123 -13.00 -6.53 0.13
CA ASP B 123 -11.98 -7.55 -0.06
C ASP B 123 -11.69 -7.71 -1.54
N MSE B 124 -10.48 -7.35 -1.96
CA MSE B 124 -10.04 -7.41 -3.35
C MSE B 124 -9.10 -8.57 -3.59
O MSE B 124 -8.66 -8.74 -4.72
CB MSE B 124 -9.30 -6.10 -3.73
CG MSE B 124 -10.19 -4.88 -3.75
SE MSE B 124 -11.27 -4.86 -5.34
CE MSE B 124 -9.89 -4.48 -6.72
N SER B 125 -8.82 -9.39 -2.58
CA SER B 125 -7.83 -10.46 -2.72
C SER B 125 -8.18 -11.57 -3.72
N GLY B 126 -9.45 -11.78 -4.01
CA GLY B 126 -9.88 -12.81 -5.00
C GLY B 126 -10.24 -12.22 -6.35
N MSE B 127 -9.76 -11.02 -6.66
CA MSE B 127 -10.15 -10.31 -7.88
C MSE B 127 -9.60 -10.93 -9.16
O MSE B 127 -10.26 -10.89 -10.20
CB MSE B 127 -9.85 -8.82 -7.71
CG MSE B 127 -10.23 -7.90 -8.83
SE MSE B 127 -8.64 -7.36 -9.77
CE MSE B 127 -8.39 -8.73 -11.19
N MSE B 128 -8.42 -11.57 -9.08
CA MSE B 128 -7.85 -12.29 -10.22
C MSE B 128 -8.73 -13.53 -10.59
O MSE B 128 -8.66 -13.99 -11.71
CB MSE B 128 -6.36 -12.65 -9.99
CG MSE B 128 -6.00 -13.90 -9.10
SE MSE B 128 -6.51 -13.99 -7.18
CE MSE B 128 -5.47 -15.60 -6.66
N ASP B 129 -9.54 -14.03 -9.65
CA ASP B 129 -10.54 -15.10 -9.88
C ASP B 129 -11.94 -14.49 -10.12
N GLY B 130 -12.05 -13.20 -10.39
CA GLY B 130 -13.35 -12.52 -10.56
C GLY B 130 -14.24 -12.40 -9.33
N ASN B 131 -13.71 -12.61 -8.11
CA ASN B 131 -14.46 -12.53 -6.85
C ASN B 131 -14.06 -11.32 -6.00
N ILE B 132 -14.94 -10.34 -5.90
CA ILE B 132 -14.75 -9.15 -5.08
C ILE B 132 -15.85 -9.22 -4.03
N VAL B 133 -15.52 -9.02 -2.76
CA VAL B 133 -16.55 -8.96 -1.71
C VAL B 133 -16.86 -7.47 -1.52
N TYR B 134 -18.15 -7.13 -1.55
CA TYR B 134 -18.68 -5.79 -1.36
C TYR B 134 -19.46 -5.66 -0.07
N MSE B 135 -19.64 -4.44 0.41
CA MSE B 135 -20.51 -4.13 1.55
C MSE B 135 -21.53 -3.14 1.03
O MSE B 135 -21.29 -2.46 0.02
CB MSE B 135 -19.76 -3.50 2.73
CG MSE B 135 -19.16 -2.12 2.45
SE MSE B 135 -18.44 -1.27 4.01
CE MSE B 135 -20.08 -1.21 5.14
N GLU B 136 -22.64 -3.03 1.73
CA GLU B 136 -23.68 -2.09 1.37
C GLU B 136 -23.34 -0.79 2.06
N SER B 137 -23.49 0.32 1.34
CA SER B 137 -23.09 1.61 1.89
C SER B 137 -23.63 2.75 1.08
N TYR B 138 -23.69 3.89 1.76
CA TYR B 138 -23.93 5.16 1.09
C TYR B 138 -22.63 5.51 0.32
N TYR B 139 -22.81 6.28 -0.72
CA TYR B 139 -21.73 6.66 -1.63
C TYR B 139 -22.12 7.93 -2.32
N ASN B 140 -21.19 8.90 -2.41
CA ASN B 140 -21.46 10.16 -3.12
C ASN B 140 -20.79 10.12 -4.48
N GLU B 141 -21.61 10.00 -5.51
CA GLU B 141 -21.17 9.91 -6.90
C GLU B 141 -20.49 11.18 -7.37
N GLU B 142 -20.91 12.36 -6.84
CA GLU B 142 -20.35 13.63 -7.27
C GLU B 142 -18.95 13.83 -6.69
N LEU B 143 -18.79 13.65 -5.37
CA LEU B 143 -17.48 13.85 -4.73
C LEU B 143 -16.46 12.80 -5.14
N SER B 144 -16.91 11.57 -5.42
CA SER B 144 -16.02 10.49 -5.87
C SER B 144 -15.45 10.71 -7.29
N LYS B 145 -15.96 11.72 -8.01
CA LYS B 145 -15.36 12.19 -9.27
C LYS B 145 -13.97 12.76 -9.06
N TRP B 146 -13.56 12.97 -7.81
CA TRP B 146 -12.23 13.46 -7.56
C TRP B 146 -11.08 12.63 -8.13
N LEU B 147 -11.37 11.40 -8.47
CA LEU B 147 -10.45 10.51 -9.14
C LEU B 147 -11.27 9.62 -10.07
N ASN B 148 -10.88 9.56 -11.33
CA ASN B 148 -11.50 8.70 -12.30
C ASN B 148 -10.52 7.55 -12.52
N VAL B 149 -10.97 6.33 -12.23
CA VAL B 149 -10.16 5.12 -12.43
C VAL B 149 -10.82 4.42 -13.63
N ASP B 150 -10.15 4.44 -14.77
CA ASP B 150 -10.66 3.80 -15.98
C ASP B 150 -9.90 2.47 -16.14
N LYS B 151 -10.53 1.39 -15.65
CA LYS B 151 -9.97 0.03 -15.70
C LYS B 151 -10.02 -0.60 -17.11
N SER B 152 -10.83 -0.04 -18.03
CA SER B 152 -10.91 -0.56 -19.39
C SER B 152 -9.62 -0.39 -20.23
N ASN B 153 -8.70 0.47 -19.81
CA ASN B 153 -7.41 0.70 -20.50
C ASN B 153 -6.37 -0.31 -19.99
N MSE B 154 -5.41 -0.67 -20.86
CA MSE B 154 -4.28 -1.53 -20.49
C MSE B 154 -3.04 -0.62 -20.68
O MSE B 154 -2.71 -0.30 -21.82
CB MSE B 154 -4.18 -2.79 -21.38
N PRO B 155 -2.43 -0.10 -19.58
CA PRO B 155 -2.78 -0.25 -18.17
C PRO B 155 -3.93 0.71 -17.75
N PRO B 156 -4.61 0.41 -16.61
CA PRO B 156 -5.67 1.32 -16.11
C PRO B 156 -5.11 2.72 -15.85
N THR B 157 -5.91 3.74 -16.13
CA THR B 157 -5.48 5.11 -15.97
C THR B 157 -6.14 5.65 -14.70
N TYR B 158 -5.37 6.41 -13.91
CA TYR B 158 -5.81 7.06 -12.69
C TYR B 158 -5.74 8.59 -12.95
N THR B 159 -6.88 9.24 -13.15
CA THR B 159 -6.92 10.67 -13.49
C THR B 159 -7.59 11.52 -12.42
N LEU B 160 -6.82 12.36 -11.73
CA LEU B 160 -7.37 13.31 -10.77
C LEU B 160 -8.21 14.30 -11.54
N SER B 161 -9.39 14.66 -11.03
CA SER B 161 -10.19 15.68 -11.70
C SER B 161 -9.58 17.05 -11.52
N ASN B 162 -8.86 17.20 -10.41
CA ASN B 162 -8.26 18.47 -9.99
C ASN B 162 -9.30 19.56 -9.65
N LYS B 163 -10.58 19.20 -9.50
CA LYS B 163 -11.64 20.19 -9.28
C LYS B 163 -11.87 20.44 -7.81
N VAL B 164 -12.40 21.63 -7.50
CA VAL B 164 -12.83 21.98 -6.16
C VAL B 164 -14.31 21.55 -6.06
N TYR B 165 -14.63 20.78 -5.02
CA TYR B 165 -15.97 20.28 -4.74
C TYR B 165 -16.53 21.12 -3.60
N MSE B 166 -17.76 21.60 -3.79
CA MSE B 166 -18.46 22.35 -2.76
C MSE B 166 -19.31 21.34 -2.03
O MSE B 166 -20.09 20.65 -2.65
CB MSE B 166 -19.31 23.42 -3.42
CG MSE B 166 -19.76 24.49 -2.46
SE MSE B 166 -18.31 25.56 -1.69
CE MSE B 166 -17.52 25.86 -3.37
N VAL B 167 -19.12 21.20 -0.73
CA VAL B 167 -19.85 20.22 0.08
C VAL B 167 -20.73 20.97 1.07
N LYS B 168 -22.06 20.88 0.90
CA LYS B 168 -23.05 21.47 1.81
C LYS B 168 -23.28 20.42 2.91
N LEU B 169 -22.90 20.74 4.13
CA LEU B 169 -23.01 19.81 5.27
C LEU B 169 -24.39 19.94 5.90
N LYS B 170 -24.76 18.95 6.70
CA LYS B 170 -26.09 18.91 7.29
C LYS B 170 -26.45 20.12 8.18
N ASP B 171 -25.45 20.80 8.76
CA ASP B 171 -25.71 22.00 9.57
C ASP B 171 -25.87 23.29 8.74
N GLY B 172 -25.87 23.19 7.41
CA GLY B 172 -26.02 24.34 6.51
C GLY B 172 -24.75 25.07 6.11
N THR B 173 -23.61 24.74 6.71
CA THR B 173 -22.31 25.35 6.37
C THR B 173 -21.72 24.56 5.20
N TYR B 174 -20.67 25.13 4.59
CA TYR B 174 -20.01 24.54 3.43
C TYR B 174 -18.52 24.33 3.62
N ALA B 175 -18.02 23.24 3.04
CA ALA B 175 -16.60 22.96 2.94
C ALA B 175 -16.25 22.93 1.44
N ALA B 176 -15.09 23.46 1.07
CA ALA B 176 -14.56 23.40 -0.29
C ALA B 176 -13.49 22.31 -0.20
N VAL B 177 -13.52 21.27 -1.03
CA VAL B 177 -12.54 20.17 -0.95
C VAL B 177 -11.94 19.85 -2.31
N ARG B 178 -10.66 19.47 -2.29
CA ARG B 178 -9.96 19.07 -3.50
C ARG B 178 -8.97 17.93 -3.21
N LEU B 179 -9.05 16.88 -4.01
CA LEU B 179 -8.07 15.77 -3.90
C LEU B 179 -6.87 16.16 -4.71
N THR B 180 -5.75 16.50 -4.05
CA THR B 180 -4.55 16.90 -4.77
C THR B 180 -3.65 15.75 -5.13
N ASN B 181 -3.77 14.62 -4.43
CA ASN B 181 -2.97 13.42 -4.75
C ASN B 181 -3.62 12.14 -4.18
N TYR B 182 -3.36 11.01 -4.85
CA TYR B 182 -3.91 9.71 -4.48
C TYR B 182 -2.80 8.70 -4.18
N MSE B 183 -1.54 9.15 -4.12
CA MSE B 183 -0.37 8.32 -3.86
C MSE B 183 0.51 8.91 -2.75
O MSE B 183 0.55 10.11 -2.54
CB MSE B 183 0.51 8.22 -5.12
CG MSE B 183 -0.12 7.49 -6.29
SE MSE B 183 0.89 7.65 -7.93
CE MSE B 183 0.68 9.56 -8.27
N ASN B 184 1.27 8.04 -2.07
CA ASN B 184 2.30 8.50 -1.14
C ASN B 184 3.50 9.02 -1.99
N ALA B 185 4.59 9.43 -1.34
CA ALA B 185 5.73 10.03 -2.03
C ALA B 185 6.39 9.11 -3.06
N SER B 186 6.34 7.79 -2.85
CA SER B 186 6.96 6.84 -3.77
C SER B 186 6.03 6.23 -4.83
N GLY B 187 4.76 6.59 -4.79
CA GLY B 187 3.77 6.10 -5.74
C GLY B 187 2.79 5.05 -5.27
N VAL B 188 2.81 4.68 -3.97
CA VAL B 188 1.86 3.72 -3.44
C VAL B 188 0.46 4.35 -3.44
N LYS B 189 -0.48 3.71 -4.13
CA LYS B 189 -1.85 4.25 -4.26
C LYS B 189 -2.67 4.06 -2.97
N GLY B 190 -3.62 4.96 -2.76
CA GLY B 190 -4.49 4.90 -1.60
C GLY B 190 -4.16 5.82 -0.45
N PHE B 191 -3.07 6.58 -0.55
CA PHE B 191 -2.77 7.65 0.42
C PHE B 191 -3.38 8.88 -0.22
N MSE B 192 -4.30 9.53 0.49
CA MSE B 192 -5.09 10.62 -0.09
C MSE B 192 -4.69 11.95 0.54
O MSE B 192 -4.71 12.06 1.76
CB MSE B 192 -6.57 10.31 0.14
CG MSE B 192 -6.98 8.93 -0.30
SE MSE B 192 -6.99 8.72 -2.21
CE MSE B 192 -8.77 9.32 -2.49
N THR B 193 -4.32 12.92 -0.29
CA THR B 193 -3.97 14.27 0.15
C THR B 193 -5.16 15.13 -0.27
N ILE B 194 -5.89 15.62 0.73
CA ILE B 194 -7.14 16.37 0.54
C ILE B 194 -6.96 17.79 1.10
N ASP B 195 -7.02 18.80 0.23
CA ASP B 195 -7.00 20.19 0.67
C ASP B 195 -8.44 20.62 0.93
N TYR B 196 -8.63 21.53 1.88
CA TYR B 196 -9.95 21.97 2.21
C TYR B 196 -10.00 23.41 2.69
N ILE B 197 -11.19 24.00 2.60
CA ILE B 197 -11.53 25.28 3.24
C ILE B 197 -12.78 24.99 4.03
N TYR B 198 -12.75 25.19 5.35
CA TYR B 198 -13.95 25.05 6.19
C TYR B 198 -13.91 26.07 7.32
N PRO B 199 -14.95 26.90 7.49
CA PRO B 199 -16.17 27.04 6.70
C PRO B 199 -15.87 27.92 5.48
N PHE B 200 -16.37 27.50 4.32
CA PHE B 200 -16.18 28.28 3.13
C PHE B 200 -17.26 29.34 3.11
N GLU B 201 -16.86 30.59 2.95
CA GLU B 201 -17.75 31.74 2.84
C GLU B 201 -17.22 32.63 1.72
N LEU B 202 -18.10 33.09 0.83
CA LEU B 202 -17.70 34.06 -0.22
C LEU B 202 -17.26 35.37 0.44
S SO4 C . -2.99 -17.97 11.99
O1 SO4 C . -2.86 -19.44 12.09
O2 SO4 C . -3.76 -17.45 13.14
O3 SO4 C . -1.66 -17.32 11.97
O4 SO4 C . -3.66 -17.72 10.70
S SO4 D . -4.15 -8.50 7.91
O1 SO4 D . -3.27 -7.86 8.93
O2 SO4 D . -5.49 -8.67 8.53
O3 SO4 D . -4.30 -7.66 6.74
O4 SO4 D . -3.58 -9.76 7.39
S SO4 E . 20.88 -0.18 1.08
O1 SO4 E . 21.94 0.29 2.00
O2 SO4 E . 19.60 0.36 1.57
O3 SO4 E . 21.13 0.33 -0.29
O4 SO4 E . 20.94 -1.66 1.12
S SO4 F . 3.29 -3.69 -8.50
O1 SO4 F . 4.48 -3.09 -7.80
O2 SO4 F . 2.32 -4.51 -7.68
O3 SO4 F . 2.60 -2.54 -9.14
O4 SO4 F . 3.80 -4.57 -9.57
S SO4 G . 9.12 -3.40 10.85
O1 SO4 G . 8.76 -4.77 10.45
O2 SO4 G . 7.92 -2.53 10.74
O3 SO4 G . 9.56 -3.49 12.26
O4 SO4 G . 10.24 -2.85 10.03
C1 GOL H . 25.21 -7.54 -1.53
O1 GOL H . 23.81 -7.31 -1.29
C2 GOL H . 25.34 -8.68 -2.57
O2 GOL H . 24.94 -9.97 -2.07
C3 GOL H . 26.77 -8.77 -3.09
O3 GOL H . 27.69 -9.25 -2.11
C1 GOL I . -1.11 -11.93 8.76
O1 GOL I . -0.39 -13.12 8.42
C2 GOL I . -0.77 -11.57 10.20
O2 GOL I . -1.23 -12.63 11.04
C3 GOL I . -1.36 -10.22 10.64
O3 GOL I . -0.46 -9.57 11.56
C1 GOL J . 15.23 -28.85 11.18
O1 GOL J . 14.64 -28.57 9.88
C2 GOL J . 16.19 -27.75 11.63
O2 GOL J . 17.05 -27.49 10.54
C3 GOL J . 17.04 -28.17 12.83
O3 GOL J . 16.22 -28.55 13.93
C1 GOL K . 9.73 -2.45 -8.27
O1 GOL K . 11.18 -2.66 -8.29
C2 GOL K . 8.90 -3.05 -9.45
O2 GOL K . 9.07 -2.41 -10.72
C3 GOL K . 7.40 -2.90 -9.14
O3 GOL K . 7.04 -3.71 -8.03
O1 UNL L . 0.37 -0.51 -5.93
O2 UNL L . -3.04 -1.02 -5.53
O3 UNL L . -3.93 -1.60 -7.05
O4 UNL L . 0.13 -1.46 -2.43
O5 UNL L . -2.06 0.43 -1.65
O6 UNL L . 0.27 -2.31 -7.73
O7 UNL L . 1.56 0.45 -6.46
O8 UNL L . 2.05 1.92 -8.53
O9 UNL L . 1.62 4.20 -8.76
O10 UNL L . 0.02 1.03 -5.61
O11 UNL L . 1.16 0.24 -4.50
O12 UNL L . -0.40 -1.55 -5.10
O13 UNL L . -1.85 -0.37 -4.03
O14 UNL L . -3.84 -2.59 -4.01
O15 UNL L . -2.50 -3.05 -4.02
CL CL M . -24.76 -0.66 -6.60
S SO4 N . -7.40 -0.07 -7.10
O1 SO4 N . -7.79 0.04 -5.67
O2 SO4 N . -8.55 0.20 -7.99
O3 SO4 N . -6.26 0.88 -7.35
O4 SO4 N . -7.01 -1.47 -7.40
S SO4 O . 5.24 9.88 2.88
O1 SO4 O . 5.26 8.99 4.06
O2 SO4 O . 4.19 10.89 3.09
O3 SO4 O . 6.58 10.49 2.78
O4 SO4 O . 4.92 9.08 1.68
S SO4 P . -19.49 2.44 8.23
O1 SO4 P . -18.55 2.05 9.29
O2 SO4 P . -20.02 1.22 7.54
O3 SO4 P . -20.58 3.22 8.83
O4 SO4 P . -18.89 3.32 7.22
C1 GOL Q . -11.23 -0.32 -5.79
O1 GOL Q . -10.47 0.82 -5.43
C2 GOL Q . -12.71 0.00 -5.56
O2 GOL Q . -13.42 -0.88 -6.44
C3 GOL Q . -12.98 -0.18 -4.03
O3 GOL Q . -14.29 0.20 -3.55
C1 GOL R . -27.28 9.72 3.40
O1 GOL R . -27.81 10.43 4.52
C2 GOL R . -25.75 9.68 3.55
O2 GOL R . -25.20 11.01 3.42
C3 GOL R . -25.35 9.12 4.93
O3 GOL R . -24.02 8.56 4.88
C1 GOL S . -31.48 0.57 3.12
O1 GOL S . -32.21 -0.18 2.14
C2 GOL S . -31.86 2.05 3.07
O2 GOL S . -31.88 2.49 1.71
C3 GOL S . -30.88 2.93 3.85
O3 GOL S . -30.28 2.22 4.94
C1 GOL T . -7.00 -3.46 9.19
O1 GOL T . -5.93 -3.19 8.30
C2 GOL T . -7.43 -2.16 9.86
O2 GOL T . -6.28 -1.48 10.40
C3 GOL T . -8.18 -1.27 8.85
O3 GOL T . -8.73 -0.09 9.46
#